data_1L0O
#
_entry.id   1L0O
#
_cell.length_a   97.31
_cell.length_b   97.31
_cell.length_c   262.98
_cell.angle_alpha   90
_cell.angle_beta   90
_cell.angle_gamma   120
#
_symmetry.space_group_name_H-M   'P 65 2 2'
#
loop_
_entity.id
_entity.type
_entity.pdbx_description
1 polymer 'Anti-sigma F factor'
2 polymer 'sigma factor'
3 non-polymer 'MAGNESIUM ION'
4 non-polymer "ADENOSINE-5'-DIPHOSPHATE"
5 water water
#
loop_
_entity_poly.entity_id
_entity_poly.type
_entity_poly.pdbx_seq_one_letter_code
_entity_poly.pdbx_strand_id
1 'polypeptide(L)'
;MRNEMHLQFSARSENESFARVTVAAFVAQLDPTMDELTEIKTVVSEAVTNAIIHGYNNDPNGIVSISVIIEDGVVHLTVR
DEGVGIPDIEEARQPLFTTKPELERSGMGFTIMENFMDEVIVESEVNKGTTVYLKKHIVKSKRYLEGSSF
;
A,B
2 'polypeptide(L)'
;GSHMQGQSPIKDQEMKELIRRSQEGDQEARDEIIEKNMRLVWSVVQRFLNRGYEADDLFQIGCIGLLKSVDKFDLSYDVK
FSTYAVPMIIGEIQRFLRDDGTVKVSRSLKEMGNKIRKAKDELSKTRGRAPTVTEIADHLGISPEDVVLAQEAVRLPTSI
HETVYENDGDPITLLDQIADADEASWFDKIALKKAIEELDERERLIVYLRYYKDQTQSEVASRLGISQVQMSRLEKKILQ
HIK
;
C
#
loop_
_chem_comp.id
_chem_comp.type
_chem_comp.name
_chem_comp.formula
ADP non-polymer ADENOSINE-5'-DIPHOSPHATE 'C10 H15 N5 O10 P2'
MG non-polymer 'MAGNESIUM ION' 'Mg 2'
#
# COMPACT_ATOMS: atom_id res chain seq x y z
N MET A 1 10.99 9.28 16.35
CA MET A 1 10.82 7.93 15.73
C MET A 1 11.43 7.91 14.34
N ARG A 2 11.73 6.72 13.84
CA ARG A 2 12.32 6.54 12.52
C ARG A 2 11.69 5.36 11.79
N ASN A 3 10.55 5.61 11.15
CA ASN A 3 9.87 4.55 10.40
C ASN A 3 10.06 4.82 8.91
N GLU A 4 10.34 3.76 8.17
CA GLU A 4 10.61 3.87 6.74
C GLU A 4 9.89 2.78 5.95
N MET A 5 9.52 3.11 4.70
CA MET A 5 8.81 2.20 3.81
C MET A 5 9.38 2.34 2.40
N HIS A 6 9.33 1.26 1.62
CA HIS A 6 9.83 1.25 0.24
C HIS A 6 8.88 0.48 -0.68
N LEU A 7 8.31 1.18 -1.65
CA LEU A 7 7.37 0.55 -2.55
C LEU A 7 7.75 0.69 -4.02
N GLN A 8 7.48 -0.36 -4.80
CA GLN A 8 7.75 -0.38 -6.23
C GLN A 8 6.57 -1.07 -6.88
N PHE A 9 6.24 -0.67 -8.11
CA PHE A 9 5.12 -1.26 -8.81
C PHE A 9 5.15 -0.89 -10.28
N SER A 10 4.51 -1.73 -11.09
CA SER A 10 4.43 -1.53 -12.53
C SER A 10 3.97 -0.10 -12.81
N ALA A 11 4.51 0.50 -13.86
CA ALA A 11 4.10 1.84 -14.22
C ALA A 11 2.81 1.77 -15.01
N ARG A 12 1.72 1.54 -14.28
CA ARG A 12 0.40 1.44 -14.86
C ARG A 12 -0.48 2.55 -14.31
N SER A 13 -1.24 3.19 -15.19
CA SER A 13 -2.15 4.25 -14.80
C SER A 13 -2.92 3.85 -13.52
N GLU A 14 -3.36 2.60 -13.48
CA GLU A 14 -4.11 2.06 -12.36
C GLU A 14 -3.48 2.12 -10.97
N ASN A 15 -2.14 2.16 -10.91
CA ASN A 15 -1.47 2.17 -9.61
C ASN A 15 -1.33 3.53 -8.96
N GLU A 16 -2.03 4.52 -9.49
CA GLU A 16 -1.97 5.86 -8.94
C GLU A 16 -2.75 5.91 -7.63
N SER A 17 -3.95 5.33 -7.65
CA SER A 17 -4.80 5.29 -6.46
C SER A 17 -4.10 4.43 -5.43
N PHE A 18 -3.67 3.25 -5.85
CA PHE A 18 -2.97 2.34 -4.96
C PHE A 18 -1.86 3.07 -4.22
N ALA A 19 -1.03 3.77 -4.99
CA ALA A 19 0.08 4.51 -4.44
C ALA A 19 -0.28 5.55 -3.36
N ARG A 20 -1.25 6.42 -3.63
CA ARG A 20 -1.61 7.42 -2.63
C ARG A 20 -2.23 6.81 -1.38
N VAL A 21 -3.05 5.79 -1.56
CA VAL A 21 -3.65 5.13 -0.42
C VAL A 21 -2.55 4.54 0.46
N THR A 22 -1.60 3.86 -0.16
CA THR A 22 -0.48 3.26 0.57
C THR A 22 0.30 4.32 1.34
N VAL A 23 0.72 5.36 0.63
CA VAL A 23 1.49 6.42 1.28
C VAL A 23 0.65 6.97 2.43
N ALA A 24 -0.62 7.26 2.14
CA ALA A 24 -1.53 7.81 3.15
C ALA A 24 -1.59 6.92 4.37
N ALA A 25 -1.87 5.63 4.15
CA ALA A 25 -1.93 4.68 5.23
C ALA A 25 -0.68 4.78 6.13
N PHE A 26 0.48 4.87 5.50
CA PHE A 26 1.74 4.96 6.23
C PHE A 26 1.94 6.29 6.95
N VAL A 27 1.74 7.39 6.22
CA VAL A 27 1.95 8.71 6.79
C VAL A 27 0.84 8.97 7.81
N ALA A 28 -0.10 8.04 7.87
CA ALA A 28 -1.21 8.15 8.80
C ALA A 28 -0.70 8.04 10.22
N GLN A 29 0.33 7.23 10.43
CA GLN A 29 0.93 7.02 11.74
C GLN A 29 1.23 8.34 12.44
N LEU A 30 1.35 9.41 11.66
CA LEU A 30 1.62 10.73 12.20
C LEU A 30 0.36 11.42 12.68
N ASP A 31 -0.78 10.79 12.47
CA ASP A 31 -2.06 11.34 12.87
C ASP A 31 -2.17 12.78 12.37
N PRO A 32 -2.14 12.98 11.04
CA PRO A 32 -2.23 14.30 10.43
C PRO A 32 -3.69 14.68 10.26
N THR A 33 -3.94 15.92 9.82
CA THR A 33 -5.30 16.35 9.61
C THR A 33 -5.77 15.75 8.30
N MET A 34 -7.09 15.55 8.15
CA MET A 34 -7.61 15.00 6.91
C MET A 34 -7.16 15.93 5.80
N ASP A 35 -6.93 17.18 6.15
CA ASP A 35 -6.47 18.19 5.20
C ASP A 35 -5.04 17.89 4.75
N GLU A 36 -4.15 17.65 5.69
CA GLU A 36 -2.75 17.34 5.37
C GLU A 36 -2.62 16.02 4.62
N LEU A 37 -3.29 14.98 5.11
CA LEU A 37 -3.24 13.67 4.45
C LEU A 37 -3.74 13.76 3.02
N THR A 38 -4.56 14.76 2.72
CA THR A 38 -5.09 14.92 1.38
C THR A 38 -4.03 15.54 0.48
N GLU A 39 -3.35 16.57 0.97
CA GLU A 39 -2.31 17.22 0.19
C GLU A 39 -1.22 16.19 -0.13
N ILE A 40 -0.78 15.47 0.91
CA ILE A 40 0.24 14.43 0.77
C ILE A 40 -0.24 13.47 -0.31
N LYS A 41 -1.50 13.06 -0.16
CA LYS A 41 -2.13 12.10 -1.06
C LYS A 41 -2.24 12.64 -2.49
N THR A 42 -2.33 13.96 -2.64
CA THR A 42 -2.43 14.58 -3.97
C THR A 42 -1.07 14.59 -4.62
N VAL A 43 -0.08 15.04 -3.87
CA VAL A 43 1.27 15.11 -4.35
C VAL A 43 1.74 13.75 -4.85
N VAL A 44 1.46 12.69 -4.10
CA VAL A 44 1.89 11.37 -4.51
C VAL A 44 1.28 11.04 -5.88
N SER A 45 -0.01 11.32 -6.02
CA SER A 45 -0.68 11.03 -7.28
C SER A 45 -0.07 11.84 -8.43
N GLU A 46 0.21 13.12 -8.20
CA GLU A 46 0.81 13.97 -9.24
C GLU A 46 2.18 13.43 -9.69
N ALA A 47 3.01 13.04 -8.73
CA ALA A 47 4.34 12.52 -9.04
C ALA A 47 4.33 11.13 -9.68
N VAL A 48 3.44 10.25 -9.23
CA VAL A 48 3.39 8.91 -9.81
C VAL A 48 2.81 8.94 -11.21
N THR A 49 1.82 9.80 -11.41
CA THR A 49 1.24 9.93 -12.73
C THR A 49 2.33 10.44 -13.66
N ASN A 50 3.03 11.47 -13.19
CA ASN A 50 4.11 12.04 -13.98
C ASN A 50 5.13 10.98 -14.36
N ALA A 51 5.50 10.13 -13.40
CA ALA A 51 6.44 9.06 -13.66
C ALA A 51 5.88 8.12 -14.71
N ILE A 52 4.63 7.74 -14.55
CA ILE A 52 4.03 6.82 -15.49
C ILE A 52 3.83 7.42 -16.89
N ILE A 53 3.10 8.52 -16.99
CA ILE A 53 2.84 9.11 -18.31
C ILE A 53 4.00 9.84 -18.99
N HIS A 54 5.05 10.16 -18.24
CA HIS A 54 6.19 10.84 -18.84
C HIS A 54 7.45 9.99 -18.78
N GLY A 55 7.89 9.68 -17.56
CA GLY A 55 9.08 8.89 -17.36
C GLY A 55 9.10 7.61 -18.18
N TYR A 56 7.99 6.88 -18.20
CA TYR A 56 7.91 5.63 -18.94
C TYR A 56 6.97 5.72 -20.12
N ASN A 57 6.57 6.94 -20.46
CA ASN A 57 5.67 7.14 -21.58
C ASN A 57 4.60 6.05 -21.67
N ASN A 58 4.05 5.68 -20.51
CA ASN A 58 2.99 4.69 -20.39
C ASN A 58 3.37 3.23 -20.58
N ASP A 59 4.66 2.92 -20.54
CA ASP A 59 5.11 1.55 -20.70
C ASP A 59 4.99 0.79 -19.36
N PRO A 60 4.05 -0.15 -19.28
CA PRO A 60 3.80 -0.95 -18.07
C PRO A 60 5.04 -1.52 -17.39
N ASN A 61 6.04 -1.88 -18.18
CA ASN A 61 7.29 -2.45 -17.67
C ASN A 61 8.11 -1.41 -16.92
N GLY A 62 7.56 -0.20 -16.78
CA GLY A 62 8.26 0.88 -16.13
C GLY A 62 8.81 0.73 -14.73
N ILE A 63 7.95 0.38 -13.79
CA ILE A 63 8.32 0.24 -12.39
C ILE A 63 8.61 1.57 -11.71
N VAL A 64 7.62 2.09 -11.00
CA VAL A 64 7.78 3.33 -10.28
C VAL A 64 8.30 2.92 -8.90
N SER A 65 9.19 3.71 -8.34
CA SER A 65 9.72 3.40 -7.03
C SER A 65 9.41 4.51 -6.04
N ILE A 66 8.72 4.15 -4.96
CA ILE A 66 8.37 5.11 -3.93
C ILE A 66 9.07 4.77 -2.65
N SER A 67 9.34 5.81 -1.86
CA SER A 67 10.04 5.68 -0.60
C SER A 67 9.59 6.75 0.37
N VAL A 68 9.15 6.33 1.55
CA VAL A 68 8.68 7.26 2.55
C VAL A 68 9.41 7.04 3.87
N ILE A 69 9.76 8.15 4.51
CA ILE A 69 10.46 8.11 5.77
C ILE A 69 9.79 9.03 6.78
N ILE A 70 9.22 8.44 7.82
CA ILE A 70 8.59 9.26 8.85
C ILE A 70 9.62 9.41 9.94
N GLU A 71 9.90 10.65 10.34
CA GLU A 71 10.89 10.87 11.38
C GLU A 71 10.73 12.21 12.11
N ASP A 72 9.91 12.18 13.15
CA ASP A 72 9.69 13.36 13.99
C ASP A 72 8.91 14.49 13.32
N GLY A 73 7.62 14.23 13.09
CA GLY A 73 6.75 15.23 12.49
C GLY A 73 7.04 15.60 11.05
N VAL A 74 7.87 14.82 10.37
CA VAL A 74 8.18 15.10 8.98
C VAL A 74 8.05 13.89 8.09
N VAL A 75 7.47 14.13 6.92
CA VAL A 75 7.29 13.08 5.96
C VAL A 75 8.33 13.26 4.88
N HIS A 76 9.02 12.18 4.55
CA HIS A 76 10.04 12.21 3.53
C HIS A 76 9.62 11.29 2.42
N LEU A 77 9.09 11.93 1.37
CA LEU A 77 8.59 11.22 0.21
C LEU A 77 9.59 11.30 -0.93
N THR A 78 9.70 10.21 -1.68
CA THR A 78 10.60 10.14 -2.82
C THR A 78 9.97 9.29 -3.91
N VAL A 79 9.80 9.90 -5.08
CA VAL A 79 9.25 9.16 -6.20
C VAL A 79 10.37 9.14 -7.22
N ARG A 80 10.71 7.94 -7.67
CA ARG A 80 11.80 7.73 -8.61
C ARG A 80 11.42 6.84 -9.79
N ASP A 81 12.07 7.07 -10.93
CA ASP A 81 11.82 6.27 -12.12
C ASP A 81 13.06 6.18 -13.01
N GLU A 82 13.27 4.99 -13.57
CA GLU A 82 14.41 4.74 -14.46
C GLU A 82 13.90 5.06 -15.85
N GLY A 83 13.24 6.19 -15.99
CA GLY A 83 12.69 6.55 -17.28
C GLY A 83 13.48 7.52 -18.14
N VAL A 84 12.73 8.17 -19.03
CA VAL A 84 13.19 9.14 -19.99
C VAL A 84 14.02 10.32 -19.50
N GLY A 85 13.70 10.84 -18.32
CA GLY A 85 14.44 11.95 -17.79
C GLY A 85 13.86 13.28 -18.24
N ILE A 86 14.17 14.34 -17.51
CA ILE A 86 13.67 15.68 -17.81
C ILE A 86 14.77 16.53 -18.46
N PRO A 87 14.60 16.88 -19.74
CA PRO A 87 15.57 17.70 -20.48
C PRO A 87 15.99 18.93 -19.67
N ASP A 88 15.00 19.75 -19.33
CA ASP A 88 15.22 20.96 -18.54
C ASP A 88 14.31 20.91 -17.33
N ILE A 89 14.90 20.95 -16.13
CA ILE A 89 14.12 20.92 -14.90
C ILE A 89 13.36 22.23 -14.70
N GLU A 90 14.09 23.34 -14.67
CA GLU A 90 13.51 24.66 -14.47
C GLU A 90 12.32 24.95 -15.39
N GLU A 91 12.38 24.45 -16.61
CA GLU A 91 11.31 24.66 -17.58
C GLU A 91 10.13 23.79 -17.23
N ALA A 92 10.40 22.52 -16.96
CA ALA A 92 9.34 21.58 -16.62
C ALA A 92 8.55 22.01 -15.39
N ARG A 93 9.19 22.76 -14.49
CA ARG A 93 8.57 23.20 -13.26
C ARG A 93 7.76 24.48 -13.34
N GLN A 94 7.93 25.26 -14.40
CA GLN A 94 7.15 26.46 -14.50
C GLN A 94 5.71 26.05 -14.78
N PRO A 95 4.76 26.71 -14.12
CA PRO A 95 3.34 26.41 -14.30
C PRO A 95 2.84 26.38 -15.74
N LEU A 96 1.87 25.51 -15.99
CA LEU A 96 1.26 25.37 -17.30
C LEU A 96 2.12 24.72 -18.38
N PHE A 97 3.38 24.49 -18.09
CA PHE A 97 4.26 23.86 -19.06
C PHE A 97 4.03 22.36 -19.13
N THR A 98 3.93 21.84 -20.34
CA THR A 98 3.80 20.41 -20.52
C THR A 98 4.38 20.06 -21.88
N THR A 99 4.70 18.77 -22.01
CA THR A 99 5.27 18.17 -23.20
C THR A 99 4.19 17.48 -24.00
N LYS A 100 3.07 17.22 -23.34
CA LYS A 100 1.96 16.57 -24.00
C LYS A 100 0.76 17.50 -24.01
N PRO A 101 0.96 18.76 -24.43
CA PRO A 101 -0.16 19.70 -24.47
C PRO A 101 -1.41 19.10 -25.12
N GLU A 102 -1.24 18.57 -26.34
CA GLU A 102 -2.33 17.97 -27.10
C GLU A 102 -2.97 16.75 -26.43
N LEU A 103 -2.68 16.55 -25.15
CA LEU A 103 -3.24 15.43 -24.43
C LEU A 103 -3.94 15.84 -23.14
N GLU A 104 -4.70 16.92 -23.21
CA GLU A 104 -5.42 17.44 -22.05
C GLU A 104 -4.57 17.33 -20.81
N ARG A 105 -3.47 18.05 -20.78
CA ARG A 105 -2.58 18.01 -19.63
C ARG A 105 -2.70 19.21 -18.69
N SER A 106 -3.19 18.94 -17.49
CA SER A 106 -3.35 19.98 -16.48
C SER A 106 -2.02 20.68 -16.48
N GLY A 107 -1.93 21.84 -17.11
CA GLY A 107 -0.67 22.53 -17.11
C GLY A 107 0.02 22.40 -15.75
N MET A 108 -0.76 22.47 -14.67
CA MET A 108 -0.21 22.36 -13.32
C MET A 108 0.45 21.01 -13.05
N GLY A 109 0.94 20.81 -11.84
CA GLY A 109 1.56 19.53 -11.52
C GLY A 109 2.72 19.74 -10.57
N PHE A 110 3.82 20.27 -11.10
CA PHE A 110 4.95 20.56 -10.26
C PHE A 110 4.47 21.69 -9.37
N THR A 111 3.61 22.52 -9.95
CA THR A 111 3.06 23.65 -9.24
C THR A 111 2.22 23.15 -8.07
N ILE A 112 1.46 22.08 -8.29
CA ILE A 112 0.66 21.50 -7.23
C ILE A 112 1.62 20.98 -6.15
N MET A 113 2.63 20.23 -6.58
CA MET A 113 3.64 19.66 -5.68
C MET A 113 4.20 20.77 -4.78
N GLU A 114 4.75 21.80 -5.40
CA GLU A 114 5.36 22.91 -4.68
C GLU A 114 4.45 23.56 -3.64
N ASN A 115 3.16 23.68 -3.94
CA ASN A 115 2.22 24.30 -3.01
C ASN A 115 1.85 23.46 -1.80
N PHE A 116 1.58 22.18 -2.02
CA PHE A 116 1.20 21.29 -0.94
C PHE A 116 2.33 20.82 -0.03
N MET A 117 3.51 20.64 -0.60
CA MET A 117 4.63 20.19 0.19
C MET A 117 5.47 21.37 0.61
N ASP A 118 6.30 21.16 1.64
CA ASP A 118 7.16 22.21 2.15
C ASP A 118 8.40 22.36 1.29
N GLU A 119 8.87 21.25 0.74
CA GLU A 119 10.04 21.27 -0.11
C GLU A 119 9.81 20.27 -1.24
N VAL A 120 10.30 20.61 -2.42
CA VAL A 120 10.18 19.76 -3.60
C VAL A 120 11.49 19.91 -4.30
N ILE A 121 12.19 18.81 -4.49
CA ILE A 121 13.48 18.87 -5.16
C ILE A 121 13.48 17.87 -6.28
N VAL A 122 14.00 18.26 -7.42
CA VAL A 122 14.02 17.36 -8.55
C VAL A 122 15.42 17.08 -9.06
N GLU A 123 15.70 15.80 -9.30
CA GLU A 123 16.99 15.36 -9.81
C GLU A 123 16.63 14.49 -11.00
N SER A 124 17.12 14.88 -12.18
CA SER A 124 16.81 14.14 -13.38
C SER A 124 17.95 14.22 -14.41
N GLU A 125 18.09 13.15 -15.19
CA GLU A 125 19.12 13.07 -16.23
C GLU A 125 18.50 12.35 -17.41
N VAL A 126 18.53 12.98 -18.58
CA VAL A 126 17.94 12.35 -19.77
C VAL A 126 18.42 10.91 -19.92
N ASN A 127 17.48 10.04 -20.29
CA ASN A 127 17.74 8.61 -20.48
C ASN A 127 18.29 7.88 -19.25
N LYS A 128 18.18 8.53 -18.11
CA LYS A 128 18.64 7.95 -16.85
C LYS A 128 17.40 7.74 -15.98
N GLY A 129 16.61 8.80 -15.80
CA GLY A 129 15.40 8.71 -14.98
C GLY A 129 15.20 9.96 -14.15
N THR A 130 14.14 9.98 -13.36
CA THR A 130 13.85 11.15 -12.53
C THR A 130 13.57 10.80 -11.07
N THR A 131 13.87 11.74 -10.19
CA THR A 131 13.63 11.58 -8.76
C THR A 131 13.13 12.90 -8.19
N VAL A 132 11.91 12.87 -7.66
CA VAL A 132 11.33 14.04 -7.02
C VAL A 132 11.41 13.75 -5.54
N TYR A 133 11.84 14.75 -4.78
CA TYR A 133 11.98 14.64 -3.34
C TYR A 133 10.63 14.77 -2.63
N LEU A 134 10.31 15.97 -2.13
CA LEU A 134 9.02 16.21 -1.42
C LEU A 134 9.09 15.96 0.08
N LYS A 135 9.01 17.04 0.84
CA LYS A 135 9.07 16.97 2.30
C LYS A 135 7.87 17.70 2.88
N LYS A 136 7.24 17.06 3.86
CA LYS A 136 6.08 17.66 4.51
C LYS A 136 6.23 17.58 6.01
N HIS A 137 6.22 18.75 6.65
CA HIS A 137 6.33 18.81 8.10
C HIS A 137 4.90 18.84 8.62
N ILE A 138 4.51 17.78 9.33
CA ILE A 138 3.17 17.66 9.88
C ILE A 138 3.03 18.31 11.26
N VAL A 139 2.02 19.16 11.37
CA VAL A 139 1.70 19.91 12.56
C VAL A 139 1.37 19.11 13.82
N LYS A 140 1.72 19.68 14.97
CA LYS A 140 1.44 19.09 16.27
C LYS A 140 0.99 20.25 17.15
N SER A 141 -0.16 20.11 17.80
CA SER A 141 -0.66 21.19 18.66
C SER A 141 -0.51 20.84 20.14
N MET B 1 -4.68 -9.61 -16.91
CA MET B 1 -3.68 -8.53 -16.72
C MET B 1 -2.43 -9.10 -16.08
N ARG B 2 -1.55 -8.21 -15.65
CA ARG B 2 -0.31 -8.59 -14.98
C ARG B 2 0.18 -7.38 -14.20
N ASN B 3 -0.22 -7.29 -12.95
CA ASN B 3 0.20 -6.18 -12.11
C ASN B 3 1.01 -6.73 -10.95
N GLU B 4 2.16 -6.11 -10.70
CA GLU B 4 3.03 -6.55 -9.62
C GLU B 4 3.37 -5.38 -8.71
N MET B 5 3.61 -5.68 -7.45
CA MET B 5 3.94 -4.67 -6.46
C MET B 5 4.92 -5.29 -5.47
N HIS B 6 5.81 -4.48 -4.90
CA HIS B 6 6.80 -4.97 -3.92
C HIS B 6 6.91 -3.96 -2.79
N LEU B 7 6.76 -4.43 -1.55
CA LEU B 7 6.83 -3.54 -0.41
C LEU B 7 7.85 -3.97 0.64
N GLN B 8 8.49 -2.99 1.28
CA GLN B 8 9.46 -3.23 2.33
C GLN B 8 9.29 -2.22 3.46
N PHE B 9 9.15 -2.72 4.68
CA PHE B 9 8.96 -1.85 5.83
C PHE B 9 9.64 -2.43 7.05
N SER B 10 9.95 -1.55 8.01
CA SER B 10 10.62 -1.95 9.24
C SER B 10 9.74 -2.94 9.99
N ALA B 11 10.37 -3.89 10.68
CA ALA B 11 9.62 -4.87 11.42
C ALA B 11 9.09 -4.35 12.75
N ARG B 12 8.43 -3.20 12.72
CA ARG B 12 7.82 -2.64 13.91
C ARG B 12 6.42 -3.27 13.89
N SER B 13 5.58 -2.97 14.87
CA SER B 13 4.26 -3.56 14.86
C SER B 13 3.24 -2.57 14.33
N GLU B 14 3.54 -1.29 14.51
CA GLU B 14 2.66 -0.22 14.05
C GLU B 14 2.50 -0.26 12.54
N ASN B 15 3.19 -1.20 11.90
CA ASN B 15 3.11 -1.34 10.45
C ASN B 15 2.17 -2.48 10.08
N GLU B 16 1.35 -2.92 11.02
CA GLU B 16 0.43 -4.00 10.70
C GLU B 16 -0.70 -3.51 9.80
N SER B 17 -1.49 -2.56 10.30
CA SER B 17 -2.59 -2.03 9.50
C SER B 17 -2.06 -1.61 8.15
N PHE B 18 -0.87 -1.01 8.15
CA PHE B 18 -0.23 -0.56 6.93
C PHE B 18 -0.02 -1.68 5.90
N ALA B 19 0.40 -2.85 6.36
CA ALA B 19 0.65 -3.95 5.44
C ALA B 19 -0.68 -4.41 4.87
N ARG B 20 -1.69 -4.40 5.71
CA ARG B 20 -3.03 -4.81 5.33
C ARG B 20 -3.61 -3.88 4.27
N VAL B 21 -3.58 -2.59 4.56
CA VAL B 21 -4.11 -1.62 3.62
C VAL B 21 -3.44 -1.81 2.28
N THR B 22 -2.12 -1.75 2.27
CA THR B 22 -1.36 -1.88 1.04
C THR B 22 -1.66 -3.10 0.21
N VAL B 23 -1.77 -4.26 0.84
CA VAL B 23 -2.03 -5.48 0.10
C VAL B 23 -3.45 -5.49 -0.40
N ALA B 24 -4.36 -5.10 0.48
CA ALA B 24 -5.78 -5.07 0.15
C ALA B 24 -6.07 -4.07 -0.98
N ALA B 25 -5.57 -2.85 -0.82
CA ALA B 25 -5.77 -1.82 -1.81
C ALA B 25 -5.28 -2.27 -3.19
N PHE B 26 -4.20 -3.05 -3.19
CA PHE B 26 -3.64 -3.54 -4.44
C PHE B 26 -4.49 -4.66 -5.01
N VAL B 27 -4.90 -5.58 -4.14
CA VAL B 27 -5.71 -6.71 -4.58
C VAL B 27 -7.12 -6.22 -4.92
N ALA B 28 -7.44 -5.02 -4.43
CA ALA B 28 -8.75 -4.43 -4.69
C ALA B 28 -8.95 -4.30 -6.19
N GLN B 29 -7.86 -4.27 -6.93
CA GLN B 29 -7.93 -4.17 -8.39
C GLN B 29 -8.72 -5.31 -9.02
N LEU B 30 -8.64 -6.49 -8.41
CA LEU B 30 -9.33 -7.66 -8.91
C LEU B 30 -10.83 -7.57 -8.73
N ASP B 31 -11.29 -6.46 -8.16
CA ASP B 31 -12.71 -6.25 -7.92
C ASP B 31 -13.26 -7.36 -7.01
N PRO B 32 -12.69 -7.52 -5.81
CA PRO B 32 -13.18 -8.56 -4.91
C PRO B 32 -14.40 -8.11 -4.09
N THR B 33 -14.74 -8.91 -3.09
CA THR B 33 -15.86 -8.58 -2.23
C THR B 33 -15.24 -8.14 -0.92
N MET B 34 -15.95 -7.30 -0.18
CA MET B 34 -15.45 -6.79 1.09
C MET B 34 -14.97 -7.90 2.02
N ASP B 35 -15.45 -9.11 1.76
CA ASP B 35 -15.07 -10.26 2.56
C ASP B 35 -13.75 -10.82 2.06
N GLU B 36 -13.70 -11.15 0.78
CA GLU B 36 -12.47 -11.67 0.19
C GLU B 36 -11.29 -10.81 0.64
N LEU B 37 -11.50 -9.50 0.71
CA LEU B 37 -10.47 -8.57 1.14
C LEU B 37 -10.16 -8.73 2.62
N THR B 38 -11.19 -8.70 3.45
CA THR B 38 -11.01 -8.85 4.88
C THR B 38 -10.27 -10.15 5.18
N GLU B 39 -10.42 -11.15 4.33
CA GLU B 39 -9.71 -12.41 4.47
C GLU B 39 -8.24 -12.16 4.11
N ILE B 40 -8.03 -11.57 2.95
CA ILE B 40 -6.68 -11.25 2.50
C ILE B 40 -5.92 -10.46 3.56
N LYS B 41 -6.57 -9.44 4.13
CA LYS B 41 -5.91 -8.61 5.15
C LYS B 41 -5.58 -9.44 6.39
N THR B 42 -6.28 -10.55 6.55
CA THR B 42 -6.05 -11.44 7.69
C THR B 42 -4.86 -12.33 7.39
N VAL B 43 -4.89 -12.96 6.23
CA VAL B 43 -3.81 -13.83 5.76
C VAL B 43 -2.52 -13.03 5.89
N VAL B 44 -2.60 -11.76 5.51
CA VAL B 44 -1.45 -10.87 5.57
C VAL B 44 -1.02 -10.63 7.02
N SER B 45 -1.97 -10.22 7.86
CA SER B 45 -1.66 -9.96 9.25
C SER B 45 -0.99 -11.18 9.91
N GLU B 46 -1.36 -12.38 9.46
CA GLU B 46 -0.79 -13.60 10.02
C GLU B 46 0.69 -13.72 9.67
N ALA B 47 0.98 -13.81 8.38
CA ALA B 47 2.35 -13.93 7.90
C ALA B 47 3.21 -12.76 8.39
N VAL B 48 2.76 -11.55 8.12
CA VAL B 48 3.52 -10.37 8.53
C VAL B 48 3.71 -10.34 10.03
N THR B 49 2.71 -10.77 10.78
CA THR B 49 2.88 -10.78 12.21
C THR B 49 3.96 -11.79 12.59
N ASN B 50 3.91 -12.98 11.99
CA ASN B 50 4.92 -14.02 12.26
C ASN B 50 6.31 -13.44 12.09
N ALA B 51 6.61 -13.01 10.86
CA ALA B 51 7.91 -12.42 10.56
C ALA B 51 8.34 -11.48 11.70
N ILE B 52 7.58 -10.41 11.90
CA ILE B 52 7.86 -9.43 12.95
C ILE B 52 8.28 -10.00 14.31
N ILE B 53 7.48 -10.91 14.85
CA ILE B 53 7.75 -11.49 16.17
C ILE B 53 8.65 -12.73 16.20
N HIS B 54 8.45 -13.67 15.28
CA HIS B 54 9.29 -14.87 15.27
C HIS B 54 10.59 -14.61 14.54
N GLY B 55 10.49 -14.38 13.24
CA GLY B 55 11.68 -14.13 12.44
C GLY B 55 12.66 -13.12 13.02
N TYR B 56 12.17 -11.97 13.49
CA TYR B 56 13.05 -10.94 14.03
C TYR B 56 12.82 -10.64 15.49
N ASN B 57 12.28 -11.60 16.24
CA ASN B 57 12.03 -11.42 17.66
C ASN B 57 11.78 -9.94 18.00
N ASN B 58 10.89 -9.33 17.23
CA ASN B 58 10.51 -7.93 17.39
C ASN B 58 11.67 -6.93 17.39
N ASP B 59 12.52 -7.03 16.39
CA ASP B 59 13.67 -6.14 16.20
C ASP B 59 13.23 -5.13 15.15
N PRO B 60 12.99 -3.87 15.55
CA PRO B 60 12.56 -2.79 14.65
C PRO B 60 13.42 -2.53 13.41
N ASN B 61 14.47 -3.33 13.24
CA ASN B 61 15.36 -3.18 12.08
C ASN B 61 15.23 -4.41 11.17
N GLY B 62 14.39 -5.35 11.57
CA GLY B 62 14.20 -6.56 10.79
C GLY B 62 13.84 -6.41 9.33
N ILE B 63 13.13 -5.34 8.98
CA ILE B 63 12.71 -5.12 7.60
C ILE B 63 11.89 -6.28 7.03
N VAL B 64 10.58 -6.08 6.92
CA VAL B 64 9.72 -7.12 6.37
C VAL B 64 9.52 -6.80 4.89
N SER B 65 9.42 -7.84 4.08
CA SER B 65 9.27 -7.68 2.65
C SER B 65 8.06 -8.40 2.08
N ILE B 66 7.19 -7.64 1.42
CA ILE B 66 5.98 -8.20 0.82
C ILE B 66 5.98 -8.06 -0.69
N SER B 67 5.40 -9.06 -1.35
CA SER B 67 5.32 -9.11 -2.81
C SER B 67 3.95 -9.61 -3.25
N VAL B 68 3.29 -8.84 -4.11
CA VAL B 68 1.98 -9.21 -4.61
C VAL B 68 1.98 -9.12 -6.12
N ILE B 69 1.50 -10.18 -6.76
CA ILE B 69 1.47 -10.21 -8.21
C ILE B 69 0.12 -10.65 -8.74
N ILE B 70 -0.77 -9.69 -8.93
CA ILE B 70 -2.09 -10.01 -9.45
C ILE B 70 -1.92 -10.39 -10.91
N GLU B 71 -2.67 -11.40 -11.35
CA GLU B 71 -2.59 -11.84 -12.73
C GLU B 71 -3.66 -12.86 -13.08
N ASP B 72 -4.46 -12.53 -14.08
CA ASP B 72 -5.53 -13.40 -14.52
C ASP B 72 -6.44 -13.82 -13.36
N GLY B 73 -6.81 -12.84 -12.55
CA GLY B 73 -7.70 -13.09 -11.43
C GLY B 73 -7.17 -13.84 -10.22
N VAL B 74 -5.88 -14.19 -10.23
CA VAL B 74 -5.32 -14.92 -9.10
C VAL B 74 -4.29 -14.11 -8.33
N VAL B 75 -4.61 -13.76 -7.09
CA VAL B 75 -3.67 -13.01 -6.28
C VAL B 75 -2.51 -13.92 -5.92
N HIS B 76 -1.30 -13.38 -5.99
CA HIS B 76 -0.10 -14.12 -5.66
C HIS B 76 0.66 -13.36 -4.60
N LEU B 77 0.29 -13.58 -3.35
CA LEU B 77 0.95 -12.90 -2.24
C LEU B 77 2.25 -13.61 -1.88
N THR B 78 3.10 -12.94 -1.11
CA THR B 78 4.38 -13.47 -0.64
C THR B 78 4.96 -12.59 0.45
N VAL B 79 5.19 -13.18 1.61
CA VAL B 79 5.77 -12.44 2.72
C VAL B 79 7.05 -13.16 3.09
N ARG B 80 8.13 -12.39 3.23
CA ARG B 80 9.41 -12.98 3.58
C ARG B 80 10.21 -12.10 4.54
N ASP B 81 11.04 -12.75 5.34
CA ASP B 81 11.90 -12.08 6.31
C ASP B 81 13.26 -12.78 6.29
N GLU B 82 14.32 -12.05 6.60
CA GLU B 82 15.67 -12.60 6.63
C GLU B 82 16.01 -12.89 8.09
N GLY B 83 15.05 -13.43 8.83
CA GLY B 83 15.26 -13.70 10.24
C GLY B 83 15.56 -15.13 10.65
N VAL B 84 15.40 -15.38 11.95
CA VAL B 84 15.62 -16.66 12.63
C VAL B 84 15.28 -17.96 11.91
N GLY B 85 14.22 -17.95 11.11
CA GLY B 85 13.85 -19.15 10.39
C GLY B 85 13.03 -20.13 11.22
N ILE B 86 12.57 -21.19 10.56
CA ILE B 86 11.76 -22.20 11.23
C ILE B 86 12.43 -23.57 11.14
N PRO B 87 12.80 -24.14 12.29
CA PRO B 87 13.45 -25.45 12.41
C PRO B 87 12.67 -26.55 11.70
N ASP B 88 11.54 -26.93 12.27
CA ASP B 88 10.70 -27.94 11.66
C ASP B 88 9.53 -27.21 11.02
N ILE B 89 9.31 -27.45 9.73
CA ILE B 89 8.22 -26.79 9.02
C ILE B 89 6.87 -27.44 9.31
N GLU B 90 6.69 -28.69 8.89
CA GLU B 90 5.43 -29.37 9.11
C GLU B 90 4.96 -29.28 10.57
N GLU B 91 5.90 -29.29 11.51
CA GLU B 91 5.59 -29.22 12.93
C GLU B 91 5.18 -27.82 13.40
N ALA B 92 5.93 -26.80 12.97
CA ALA B 92 5.62 -25.44 13.37
C ALA B 92 4.35 -24.97 12.64
N ARG B 93 3.98 -25.75 11.62
CA ARG B 93 2.80 -25.44 10.82
C ARG B 93 1.59 -26.26 11.25
N GLN B 94 1.65 -26.83 12.45
CA GLN B 94 0.54 -27.63 12.96
C GLN B 94 -0.36 -26.81 13.87
N PRO B 95 -1.67 -27.03 13.78
CA PRO B 95 -2.67 -26.32 14.58
C PRO B 95 -2.39 -26.25 16.08
N LEU B 96 -2.50 -25.04 16.61
CA LEU B 96 -2.29 -24.75 18.03
C LEU B 96 -0.83 -24.66 18.45
N PHE B 97 0.09 -25.07 17.57
CA PHE B 97 1.53 -25.03 17.87
C PHE B 97 2.09 -23.62 17.98
N THR B 98 3.03 -23.44 18.89
CA THR B 98 3.65 -22.14 19.09
C THR B 98 5.08 -22.30 19.61
N THR B 99 5.79 -21.18 19.65
CA THR B 99 7.17 -21.10 20.13
C THR B 99 7.14 -19.99 21.16
N LYS B 100 6.17 -19.10 20.97
CA LYS B 100 5.97 -17.99 21.87
C LYS B 100 4.52 -18.07 22.32
N PRO B 101 4.14 -19.17 23.01
CA PRO B 101 2.76 -19.36 23.50
C PRO B 101 2.32 -18.21 24.39
N GLU B 102 3.06 -17.11 24.35
CA GLU B 102 2.76 -15.94 25.12
C GLU B 102 1.42 -15.42 24.59
N LEU B 103 0.48 -16.34 24.46
CA LEU B 103 -0.86 -16.08 23.96
C LEU B 103 -0.86 -14.95 22.93
N GLU B 104 -1.45 -13.84 23.33
CA GLU B 104 -1.56 -12.66 22.50
C GLU B 104 -1.92 -13.02 21.05
N ARG B 105 -3.15 -13.47 20.87
CA ARG B 105 -3.72 -13.86 19.58
C ARG B 105 -4.10 -15.33 19.51
N SER B 106 -3.12 -16.23 19.41
CA SER B 106 -3.49 -17.64 19.29
C SER B 106 -2.44 -18.74 19.50
N GLY B 107 -2.46 -19.60 18.49
CA GLY B 107 -1.60 -20.76 18.36
C GLY B 107 -1.88 -21.06 16.90
N MET B 108 -2.95 -20.44 16.40
CA MET B 108 -3.36 -20.58 15.00
C MET B 108 -2.64 -19.48 14.21
N GLY B 109 -2.53 -19.65 12.90
CA GLY B 109 -1.85 -18.66 12.09
C GLY B 109 -1.68 -19.28 10.73
N PHE B 110 -1.07 -20.45 10.69
CA PHE B 110 -0.88 -21.17 9.43
C PHE B 110 -2.20 -21.87 9.15
N THR B 111 -3.06 -21.87 10.15
CA THR B 111 -4.36 -22.49 10.04
C THR B 111 -5.24 -21.50 9.32
N ILE B 112 -5.19 -20.25 9.80
CA ILE B 112 -5.95 -19.16 9.21
C ILE B 112 -5.51 -19.02 7.76
N MET B 113 -4.20 -18.93 7.55
CA MET B 113 -3.60 -18.81 6.21
C MET B 113 -4.07 -19.98 5.34
N GLU B 114 -3.86 -21.18 5.85
CA GLU B 114 -4.25 -22.40 5.15
C GLU B 114 -5.73 -22.36 4.81
N ASN B 115 -6.51 -21.82 5.74
CA ASN B 115 -7.96 -21.74 5.58
C ASN B 115 -8.42 -20.80 4.47
N PHE B 116 -8.22 -19.51 4.68
CA PHE B 116 -8.63 -18.48 3.73
C PHE B 116 -8.05 -18.61 2.32
N MET B 117 -6.73 -18.72 2.21
CA MET B 117 -6.06 -18.84 0.91
C MET B 117 -6.27 -20.20 0.27
N ASP B 118 -6.20 -20.26 -1.06
CA ASP B 118 -6.40 -21.51 -1.79
C ASP B 118 -5.17 -22.39 -1.69
N GLU B 119 -4.02 -21.75 -1.57
CA GLU B 119 -2.74 -22.46 -1.48
C GLU B 119 -1.75 -21.70 -0.61
N VAL B 120 -1.06 -22.43 0.26
CA VAL B 120 -0.07 -21.84 1.15
C VAL B 120 1.19 -22.68 1.17
N ILE B 121 2.29 -22.12 0.69
CA ILE B 121 3.56 -22.83 0.69
C ILE B 121 4.56 -22.05 1.53
N VAL B 122 5.13 -22.72 2.52
CA VAL B 122 6.10 -22.07 3.38
C VAL B 122 7.50 -22.54 2.99
N GLU B 123 8.50 -21.77 3.41
CA GLU B 123 9.90 -22.07 3.14
C GLU B 123 10.77 -21.33 4.14
N SER B 124 11.67 -22.08 4.78
CA SER B 124 12.56 -21.50 5.77
C SER B 124 13.87 -22.27 5.83
N GLU B 125 14.84 -21.69 6.54
CA GLU B 125 16.16 -22.30 6.69
C GLU B 125 16.92 -21.47 7.72
N VAL B 126 16.83 -21.90 8.97
CA VAL B 126 17.46 -21.25 10.11
C VAL B 126 18.44 -20.11 9.79
N ASN B 127 18.18 -18.96 10.41
CA ASN B 127 18.99 -17.76 10.25
C ASN B 127 18.93 -17.10 8.87
N LYS B 128 18.48 -17.84 7.86
CA LYS B 128 18.35 -17.27 6.53
C LYS B 128 17.05 -16.48 6.50
N GLY B 129 15.94 -17.14 6.87
CA GLY B 129 14.66 -16.48 6.89
C GLY B 129 13.53 -17.33 6.33
N THR B 130 12.29 -16.84 6.44
CA THR B 130 11.14 -17.57 5.94
C THR B 130 10.44 -16.85 4.80
N THR B 131 9.91 -17.62 3.85
CA THR B 131 9.21 -17.07 2.69
C THR B 131 7.87 -17.77 2.49
N VAL B 132 6.80 -17.18 3.03
CA VAL B 132 5.48 -17.78 2.88
C VAL B 132 4.80 -17.36 1.59
N TYR B 133 4.31 -18.34 0.85
CA TYR B 133 3.63 -18.06 -0.42
C TYR B 133 2.28 -17.37 -0.23
N LEU B 134 1.21 -18.16 -0.23
CA LEU B 134 -0.16 -17.65 -0.07
C LEU B 134 -0.74 -17.20 -1.40
N LYS B 135 -1.84 -17.83 -1.79
CA LYS B 135 -2.52 -17.52 -3.05
C LYS B 135 -4.03 -17.65 -2.91
N LYS B 136 -4.74 -16.73 -3.53
CA LYS B 136 -6.19 -16.78 -3.49
C LYS B 136 -6.82 -16.30 -4.78
N HIS B 137 -7.43 -17.23 -5.50
CA HIS B 137 -8.10 -16.92 -6.76
C HIS B 137 -9.38 -16.17 -6.41
N ILE B 138 -9.73 -15.18 -7.22
CA ILE B 138 -10.94 -14.38 -6.98
C ILE B 138 -11.91 -14.54 -8.15
N VAL B 139 -13.18 -14.79 -7.84
CA VAL B 139 -14.19 -14.99 -8.88
C VAL B 139 -15.08 -13.78 -9.16
N LYS B 140 -15.96 -13.92 -10.16
CA LYS B 140 -16.89 -12.88 -10.56
C LYS B 140 -18.32 -13.44 -10.66
N SER B 141 -19.28 -12.55 -10.84
CA SER B 141 -20.69 -12.96 -10.96
C SER B 141 -21.40 -12.21 -12.09
N ASP C 100 -13.84 19.82 8.24
CA ASP C 100 -13.39 21.14 8.77
C ASP C 100 -11.86 21.27 8.73
N GLY C 101 -11.23 20.48 7.87
CA GLY C 101 -9.78 20.52 7.75
C GLY C 101 -9.07 19.69 8.81
N THR C 102 -9.16 20.13 10.06
CA THR C 102 -8.53 19.43 11.18
C THR C 102 -9.39 18.24 11.61
N VAL C 103 -9.97 17.56 10.64
CA VAL C 103 -10.84 16.41 10.91
C VAL C 103 -10.09 15.19 11.45
N LYS C 104 -8.87 15.41 11.93
CA LYS C 104 -8.03 14.37 12.54
C LYS C 104 -7.74 13.13 11.70
N VAL C 105 -8.53 12.89 10.65
CA VAL C 105 -8.35 11.73 9.78
C VAL C 105 -8.85 10.48 10.50
N SER C 106 -8.59 10.39 11.80
CA SER C 106 -9.03 9.24 12.57
C SER C 106 -10.57 9.25 12.54
N ARG C 107 -11.15 10.37 12.94
CA ARG C 107 -12.60 10.52 12.97
C ARG C 107 -13.17 10.45 11.56
N SER C 108 -12.60 11.25 10.65
CA SER C 108 -13.03 11.29 9.26
C SER C 108 -13.05 9.94 8.58
N LEU C 109 -11.98 9.17 8.77
CA LEU C 109 -11.84 7.86 8.16
C LEU C 109 -12.77 6.83 8.78
N LYS C 110 -12.97 6.97 10.09
CA LYS C 110 -13.82 6.07 10.84
C LYS C 110 -15.29 6.25 10.45
N GLU C 111 -15.69 7.48 10.20
CA GLU C 111 -17.05 7.79 9.80
C GLU C 111 -17.38 7.17 8.46
N MET C 112 -16.46 7.32 7.51
CA MET C 112 -16.66 6.75 6.19
C MET C 112 -16.66 5.23 6.30
N GLY C 113 -15.99 4.72 7.33
CA GLY C 113 -15.94 3.28 7.51
C GLY C 113 -17.30 2.70 7.78
N ASN C 114 -18.06 3.37 8.62
CA ASN C 114 -19.39 2.91 8.95
C ASN C 114 -20.24 2.94 7.69
N LYS C 115 -20.20 4.08 7.00
CA LYS C 115 -20.95 4.22 5.76
C LYS C 115 -20.75 3.02 4.83
N ILE C 116 -19.60 2.36 4.94
CA ILE C 116 -19.32 1.21 4.11
C ILE C 116 -20.12 0.01 4.57
N ARG C 117 -20.15 -0.22 5.87
CA ARG C 117 -20.92 -1.34 6.41
C ARG C 117 -22.34 -1.22 5.85
N LYS C 118 -22.89 -0.02 5.98
CA LYS C 118 -24.23 0.27 5.51
C LYS C 118 -24.38 0.06 4.01
N ALA C 119 -23.47 0.67 3.23
CA ALA C 119 -23.52 0.55 1.78
C ALA C 119 -23.40 -0.90 1.33
N LYS C 120 -22.73 -1.72 2.12
CA LYS C 120 -22.54 -3.14 1.78
C LYS C 120 -23.86 -3.91 1.77
N ASP C 121 -24.63 -3.82 2.85
CA ASP C 121 -25.90 -4.53 2.92
C ASP C 121 -26.92 -3.89 2.00
N GLU C 122 -26.78 -2.60 1.73
CA GLU C 122 -27.72 -1.92 0.84
C GLU C 122 -27.57 -2.48 -0.58
N LEU C 123 -26.33 -2.62 -1.03
CA LEU C 123 -26.10 -3.13 -2.37
C LEU C 123 -26.34 -4.63 -2.44
N SER C 124 -26.17 -5.32 -1.32
CA SER C 124 -26.40 -6.76 -1.29
C SER C 124 -27.85 -7.03 -1.63
N LYS C 125 -28.74 -6.18 -1.11
CA LYS C 125 -30.17 -6.30 -1.36
C LYS C 125 -30.47 -5.80 -2.77
N THR C 126 -29.91 -4.65 -3.10
CA THR C 126 -30.07 -4.03 -4.41
C THR C 126 -29.55 -4.91 -5.55
N ARG C 127 -28.51 -5.70 -5.28
CA ARG C 127 -27.91 -6.57 -6.30
C ARG C 127 -28.36 -8.02 -6.16
N GLY C 128 -28.59 -8.45 -4.93
CA GLY C 128 -29.01 -9.82 -4.70
C GLY C 128 -27.83 -10.76 -4.59
N ARG C 129 -26.78 -10.29 -3.95
CA ARG C 129 -25.55 -11.06 -3.73
C ARG C 129 -24.54 -10.12 -3.14
N ALA C 130 -23.43 -10.66 -2.66
CA ALA C 130 -22.40 -9.81 -2.07
C ALA C 130 -21.96 -8.73 -3.05
N PRO C 131 -21.81 -7.51 -2.56
CA PRO C 131 -21.37 -6.43 -3.45
C PRO C 131 -19.85 -6.38 -3.59
N THR C 132 -19.42 -5.75 -4.67
CA THR C 132 -18.02 -5.59 -5.00
C THR C 132 -17.42 -4.35 -4.34
N VAL C 133 -16.11 -4.38 -4.08
CA VAL C 133 -15.42 -3.24 -3.48
C VAL C 133 -15.72 -2.04 -4.36
N THR C 134 -15.63 -2.25 -5.67
CA THR C 134 -15.88 -1.23 -6.67
C THR C 134 -17.30 -0.71 -6.58
N GLU C 135 -18.27 -1.62 -6.54
CA GLU C 135 -19.66 -1.23 -6.45
C GLU C 135 -19.86 -0.39 -5.19
N ILE C 136 -19.26 -0.81 -4.08
CA ILE C 136 -19.39 -0.05 -2.84
C ILE C 136 -18.69 1.29 -2.98
N ALA C 137 -17.57 1.27 -3.69
CA ALA C 137 -16.79 2.47 -3.94
C ALA C 137 -17.69 3.46 -4.65
N ASP C 138 -18.26 3.01 -5.78
CA ASP C 138 -19.17 3.84 -6.59
C ASP C 138 -20.39 4.30 -5.79
N HIS C 139 -20.99 3.40 -5.01
CA HIS C 139 -22.15 3.78 -4.23
C HIS C 139 -21.80 4.92 -3.27
N LEU C 140 -20.54 4.98 -2.84
CA LEU C 140 -20.10 6.01 -1.89
C LEU C 140 -19.43 7.24 -2.52
N GLY C 141 -19.20 7.20 -3.83
CA GLY C 141 -18.54 8.32 -4.48
C GLY C 141 -17.12 8.40 -3.97
N ILE C 142 -16.48 7.23 -3.90
CA ILE C 142 -15.13 7.08 -3.41
C ILE C 142 -14.44 6.00 -4.25
N SER C 143 -13.11 5.91 -4.15
CA SER C 143 -12.36 4.91 -4.90
C SER C 143 -12.24 3.61 -4.11
N PRO C 144 -12.08 2.48 -4.82
CA PRO C 144 -11.95 1.17 -4.16
C PRO C 144 -10.83 1.16 -3.13
N GLU C 145 -9.82 1.98 -3.37
CA GLU C 145 -8.70 2.04 -2.44
C GLU C 145 -9.09 2.75 -1.16
N ASP C 146 -9.86 3.83 -1.30
CA ASP C 146 -10.30 4.59 -0.13
C ASP C 146 -11.29 3.77 0.70
N VAL C 147 -11.96 2.83 0.04
CA VAL C 147 -12.90 1.97 0.74
C VAL C 147 -12.04 1.10 1.63
N VAL C 148 -11.02 0.48 1.04
CA VAL C 148 -10.10 -0.38 1.78
C VAL C 148 -9.45 0.37 2.94
N LEU C 149 -9.04 1.61 2.70
CA LEU C 149 -8.41 2.39 3.75
C LEU C 149 -9.39 2.67 4.88
N ALA C 150 -10.57 3.18 4.52
CA ALA C 150 -11.57 3.50 5.51
C ALA C 150 -11.98 2.26 6.30
N GLN C 151 -12.12 1.12 5.62
CA GLN C 151 -12.51 -0.10 6.29
C GLN C 151 -11.60 -0.39 7.48
N GLU C 152 -10.29 -0.37 7.23
CA GLU C 152 -9.32 -0.63 8.29
C GLU C 152 -9.60 0.20 9.55
N ALA C 153 -9.91 1.48 9.39
CA ALA C 153 -10.18 2.35 10.53
C ALA C 153 -11.37 1.89 11.38
N VAL C 154 -12.36 1.28 10.74
CA VAL C 154 -13.54 0.79 11.45
C VAL C 154 -13.30 -0.46 12.30
N ARG C 155 -12.39 -1.34 11.87
CA ARG C 155 -12.12 -2.57 12.64
C ARG C 155 -11.48 -2.29 14.00
N LEU C 156 -10.53 -1.34 14.05
CA LEU C 156 -9.86 -1.00 15.29
C LEU C 156 -10.80 -0.20 16.20
MG MG D . 1.75 15.96 -13.89
PB ADP E . 1.97 17.58 -16.83
O1B ADP E . 1.70 16.42 -15.88
O2B ADP E . 2.80 17.27 -17.99
O3B ADP E . 0.65 18.27 -17.24
PA ADP E . 3.68 18.69 -14.81
O1A ADP E . 3.23 17.60 -13.88
O2A ADP E . 3.93 20.03 -14.28
O3A ADP E . 2.59 18.73 -16.00
O5' ADP E . 4.97 18.16 -15.62
C5' ADP E . 5.58 19.06 -16.57
C4' ADP E . 6.47 18.41 -17.58
O4' ADP E . 7.66 17.93 -16.87
C3' ADP E . 5.98 17.18 -18.28
O3' ADP E . 5.24 17.54 -19.46
C2' ADP E . 7.30 16.40 -18.66
O2' ADP E . 7.85 16.86 -19.93
C1' ADP E . 8.21 16.75 -17.48
N9 ADP E . 8.24 15.62 -16.44
C8 ADP E . 7.74 15.66 -15.21
N7 ADP E . 7.91 14.57 -14.57
C5 ADP E . 8.58 13.74 -15.45
C6 ADP E . 9.10 12.37 -15.38
N6 ADP E . 8.98 11.59 -14.27
N1 ADP E . 9.73 11.88 -16.49
C2 ADP E . 9.85 12.63 -17.57
N3 ADP E . 9.41 13.90 -17.72
C4 ADP E . 8.79 14.39 -16.62
MG MG F . 1.32 -15.92 14.09
PB ADP G . 1.88 -18.17 16.58
O1B ADP G . 1.75 -16.80 15.83
O2B ADP G . 3.28 -18.62 16.84
O3B ADP G . 0.96 -18.16 17.89
PA ADP G . 1.47 -19.56 14.12
O1A ADP G . 1.30 -18.20 13.43
O2A ADP G . 0.66 -20.72 13.63
O3A ADP G . 1.22 -19.29 15.69
O5' ADP G . 3.07 -19.92 14.14
C5' ADP G . 3.54 -21.17 14.74
C4' ADP G . 5.06 -21.24 14.90
O4' ADP G . 5.70 -21.30 13.54
C3' ADP G . 5.75 -20.02 15.51
O3' ADP G . 5.70 -20.05 16.94
C2' ADP G . 7.22 -20.11 14.98
O2' ADP G . 8.04 -21.04 15.78
C1' ADP G . 7.01 -20.62 13.55
N9 ADP G . 7.02 -19.41 12.56
C8 ADP G . 6.01 -18.96 11.83
N7 ADP G . 6.29 -17.95 11.10
C5 ADP G . 7.63 -17.67 11.36
C6 ADP G . 8.59 -16.67 10.89
N6 ADP G . 8.24 -15.70 9.95
N1 ADP G . 9.89 -16.72 11.38
C2 ADP G . 10.23 -17.67 12.27
N3 ADP G . 9.40 -18.64 12.78
C4 ADP G . 8.11 -18.59 12.28
#